data_5A3Y
#
_entry.id   5A3Y
#
_cell.length_a   92.874
_cell.length_b   92.874
_cell.length_c   129.167
_cell.angle_alpha   90.00
_cell.angle_beta   90.00
_cell.angle_gamma   120.00
#
_symmetry.space_group_name_H-M   'P 61 2 2'
#
loop_
_entity.id
_entity.type
_entity.pdbx_description
1 polymer THERMOLYSIN
2 non-polymer VALINE
3 non-polymer LYSINE
4 non-polymer 'ZINC ION'
5 non-polymer 'CALCIUM ION'
6 non-polymer 'DIMETHYL SULFOXIDE'
7 non-polymer 'trimethylamine oxide'
8 water water
#
_entity_poly.entity_id   1
_entity_poly.type   'polypeptide(L)'
_entity_poly.pdbx_seq_one_letter_code
;MKMKMKLASFGLAAGLAAQVFLPYNALASTEHVTWNQQFQTPQFISGDLLKVNGTSPEELVYQYVEKNENKFKFHENAKD
TLQLKEKKNDNLGFTFMRFQQTYKGIPVFGAVVTSHVKDGTLTALSGTLIPNLDTKGSLKSGKKLSEKQARDIAEKDLVA
NVTKEVPEYEQGKDTEFVVYVNGDEASLAYVVNLNFLTPEPGNWLYIIDAVDGKILNKFNQLDAAKPGDVKSITGTSTVG
VGRGVLGDQKNINTTYSTYYYLQDNTRGNGIFTYDAKYRTTLPGSLWADADNQFFASYDAPAVDAHYYAGVTYDYYKNVH
NRLSYDGNNAAIRSSVHYSQGYNNAFWNGSQMVYGDGDGQTFIPLSGGIDVVAHELTHAVTDYTAGLIYQNESGAINEAI
SDIFGTLVEFYANKNPDWEIGEDVYTPGISGDSLRSMSDPAKYGDPDHYSKRYTGTQDNGGVHINSGIINKAAYLISQGG
THYGVSVVGIGRDKLGKIFYRALTQYLTPTSNFSQLRAAAVQSATDLYGSTSQEVASVKQAFDAVGVK
;
_entity_poly.pdbx_strand_id   A
#
# COMPACT_ATOMS: atom_id res chain seq x y z
N ILE A 233 -11.43 3.71 -23.29
CA ILE A 233 -12.44 4.02 -24.35
C ILE A 233 -12.95 5.47 -24.24
N THR A 234 -13.44 5.97 -25.36
CA THR A 234 -14.20 7.22 -25.44
C THR A 234 -15.66 6.96 -25.11
N GLY A 235 -16.20 7.69 -24.14
CA GLY A 235 -17.59 7.48 -23.77
C GLY A 235 -18.09 8.48 -22.74
N THR A 236 -19.25 8.16 -22.17
CA THR A 236 -19.97 9.04 -21.26
C THR A 236 -19.64 8.63 -19.82
N SER A 237 -19.16 9.58 -19.00
CA SER A 237 -18.87 9.29 -17.60
C SER A 237 -20.16 9.07 -16.85
N THR A 238 -20.23 7.99 -16.10
CA THR A 238 -21.42 7.69 -15.32
C THR A 238 -21.04 7.03 -14.00
N VAL A 239 -22.05 6.65 -13.23
CA VAL A 239 -21.87 6.08 -11.90
C VAL A 239 -22.66 4.80 -11.78
N GLY A 240 -21.95 3.69 -11.60
CA GLY A 240 -22.57 2.39 -11.35
C GLY A 240 -22.56 2.08 -9.86
N VAL A 241 -23.09 0.91 -9.52
CA VAL A 241 -23.14 0.46 -8.14
C VAL A 241 -22.80 -1.01 -8.12
N GLY A 242 -22.10 -1.44 -7.07
CA GLY A 242 -21.77 -2.83 -6.94
C GLY A 242 -21.48 -3.21 -5.53
N ARG A 243 -21.02 -4.45 -5.37
CA ARG A 243 -20.66 -5.00 -4.07
C ARG A 243 -19.21 -5.48 -4.17
N GLY A 244 -18.41 -5.15 -3.17
CA GLY A 244 -17.05 -5.60 -3.10
C GLY A 244 -16.90 -6.99 -2.53
N VAL A 245 -15.65 -7.40 -2.36
CA VAL A 245 -15.26 -8.73 -1.91
C VAL A 245 -15.89 -9.08 -0.55
N LEU A 246 -15.95 -8.10 0.33
CA LEU A 246 -16.53 -8.30 1.66
C LEU A 246 -18.05 -8.11 1.75
N GLY A 247 -18.71 -7.90 0.61
CA GLY A 247 -20.17 -7.83 0.57
C GLY A 247 -20.73 -6.43 0.77
N ASP A 248 -19.85 -5.43 0.79
CA ASP A 248 -20.23 -4.05 1.01
C ASP A 248 -20.59 -3.33 -0.29
N GLN A 249 -21.65 -2.54 -0.27
CA GLN A 249 -22.10 -1.83 -1.45
C GLN A 249 -21.31 -0.54 -1.60
N LYS A 250 -20.94 -0.21 -2.83
CA LYS A 250 -20.30 1.08 -3.11
C LYS A 250 -20.59 1.50 -4.55
N ASN A 251 -20.56 2.81 -4.76
CA ASN A 251 -20.67 3.39 -6.09
C ASN A 251 -19.31 3.41 -6.74
N ILE A 252 -19.30 3.24 -8.06
CA ILE A 252 -18.07 3.26 -8.83
C ILE A 252 -18.27 4.10 -10.07
N ASN A 253 -17.21 4.82 -10.43
CA ASN A 253 -17.19 5.64 -11.64
C ASN A 253 -16.91 4.76 -12.86
N THR A 254 -17.83 4.81 -13.82
CA THR A 254 -17.76 3.99 -15.02
C THR A 254 -17.86 4.88 -16.26
N THR A 255 -17.68 4.28 -17.42
CA THR A 255 -17.80 4.96 -18.71
C THR A 255 -18.72 4.14 -19.60
N TYR A 256 -19.72 4.83 -20.17
CA TYR A 256 -20.68 4.18 -21.05
C TYR A 256 -20.33 4.39 -22.52
N SER A 257 -20.13 3.27 -23.22
CA SER A 257 -20.04 3.25 -24.68
C SER A 257 -20.46 1.86 -25.10
N THR A 258 -21.75 1.69 -25.36
CA THR A 258 -22.39 0.39 -25.57
C THR A 258 -22.46 -0.45 -24.28
N TYR A 259 -21.30 -0.76 -23.71
CA TYR A 259 -21.19 -1.34 -22.36
C TYR A 259 -20.80 -0.26 -21.36
N TYR A 260 -20.97 -0.58 -20.08
CA TYR A 260 -20.45 0.21 -18.97
C TYR A 260 -19.11 -0.37 -18.58
N TYR A 261 -18.06 0.42 -18.77
CA TYR A 261 -16.70 -0.04 -18.51
C TYR A 261 -16.21 0.48 -17.17
N LEU A 262 -15.34 -0.29 -16.51
CA LEU A 262 -14.66 0.18 -15.31
C LEU A 262 -13.54 1.11 -15.71
N GLN A 263 -13.95 2.34 -16.01
CA GLN A 263 -13.08 3.41 -16.42
C GLN A 263 -13.60 4.65 -15.72
N ASP A 264 -12.82 5.15 -14.76
CA ASP A 264 -13.14 6.31 -13.94
C ASP A 264 -12.42 7.49 -14.53
N ASN A 265 -13.17 8.40 -15.14
CA ASN A 265 -12.59 9.57 -15.79
C ASN A 265 -12.42 10.75 -14.85
N THR A 266 -12.85 10.61 -13.60
CA THR A 266 -12.86 11.73 -12.66
C THR A 266 -11.49 11.93 -11.98
N ARG A 267 -10.58 10.99 -12.13
CA ARG A 267 -9.28 11.05 -11.46
C ARG A 267 -8.12 10.97 -12.45
N GLY A 268 -7.41 12.10 -12.58
CA GLY A 268 -6.26 12.18 -13.47
C GLY A 268 -6.54 11.75 -14.89
N ASN A 269 -5.64 10.99 -15.49
CA ASN A 269 -5.83 10.44 -16.83
C ASN A 269 -6.71 9.19 -16.83
N GLY A 270 -7.30 8.86 -15.68
CA GLY A 270 -8.24 7.76 -15.56
C GLY A 270 -7.75 6.64 -14.67
N ILE A 271 -8.71 5.90 -14.13
CA ILE A 271 -8.46 4.65 -13.45
C ILE A 271 -9.20 3.58 -14.25
N PHE A 272 -8.48 2.53 -14.63
CA PHE A 272 -8.95 1.52 -15.59
C PHE A 272 -8.79 0.17 -14.94
N THR A 273 -9.85 -0.62 -14.90
CA THR A 273 -9.81 -1.94 -14.30
C THR A 273 -10.14 -3.01 -15.34
N TYR A 274 -9.34 -4.07 -15.36
CA TYR A 274 -9.33 -5.09 -16.40
C TYR A 274 -9.63 -6.47 -15.84
N ASP A 275 -10.18 -7.33 -16.68
CA ASP A 275 -10.40 -8.75 -16.36
C ASP A 275 -9.29 -9.56 -17.00
N ALA A 276 -8.49 -10.23 -16.18
CA ALA A 276 -7.47 -11.18 -16.67
C ALA A 276 -8.05 -12.56 -16.93
N LYS A 277 -9.30 -12.81 -16.51
CA LYS A 277 -10.09 -13.99 -16.94
C LYS A 277 -9.41 -15.32 -16.56
N TYR A 278 -8.75 -15.32 -15.40
CA TYR A 278 -8.04 -16.47 -14.86
C TYR A 278 -6.76 -16.83 -15.61
N ARG A 279 -6.34 -15.99 -16.56
CA ARG A 279 -5.10 -16.17 -17.32
C ARG A 279 -4.02 -15.26 -16.72
N THR A 280 -2.82 -15.33 -17.29
CA THR A 280 -1.70 -14.53 -16.83
C THR A 280 -1.24 -13.47 -17.82
N THR A 281 -1.95 -13.35 -18.93
CA THR A 281 -1.73 -12.26 -19.86
C THR A 281 -2.22 -10.95 -19.26
N LEU A 282 -1.43 -9.89 -19.38
CA LEU A 282 -1.76 -8.59 -18.81
C LEU A 282 -1.74 -7.49 -19.85
N PRO A 283 -2.65 -6.51 -19.77
CA PRO A 283 -3.64 -6.36 -18.69
C PRO A 283 -4.89 -7.23 -18.79
N GLY A 284 -5.16 -7.81 -19.94
CA GLY A 284 -6.44 -8.46 -20.19
C GLY A 284 -7.43 -7.47 -20.80
N SER A 285 -8.71 -7.68 -20.59
CA SER A 285 -9.74 -6.86 -21.24
C SER A 285 -10.29 -5.81 -20.30
N LEU A 286 -10.45 -4.57 -20.79
CA LEU A 286 -11.08 -3.54 -19.96
C LEU A 286 -12.45 -4.04 -19.52
N TRP A 287 -12.76 -3.92 -18.23
CA TRP A 287 -13.93 -4.59 -17.68
C TRP A 287 -15.21 -3.98 -18.24
N ALA A 288 -16.02 -4.81 -18.89
CA ALA A 288 -17.26 -4.42 -19.53
C ALA A 288 -18.45 -5.08 -18.86
N ASP A 289 -19.47 -4.28 -18.60
CA ASP A 289 -20.68 -4.74 -17.94
C ASP A 289 -21.91 -4.19 -18.67
N ALA A 290 -22.92 -5.04 -18.86
CA ALA A 290 -24.11 -4.66 -19.66
C ALA A 290 -25.02 -3.61 -19.01
N ASP A 291 -25.13 -3.62 -17.68
CA ASP A 291 -26.15 -2.80 -17.02
C ASP A 291 -25.69 -1.83 -15.93
N ASN A 292 -24.38 -1.70 -15.73
CA ASN A 292 -23.84 -0.77 -14.73
C ASN A 292 -24.12 -1.18 -13.27
N GLN A 293 -24.50 -2.44 -13.06
CA GLN A 293 -24.71 -3.02 -11.74
C GLN A 293 -23.70 -4.14 -11.59
N PHE A 294 -22.95 -4.11 -10.49
CA PHE A 294 -21.81 -5.01 -10.32
C PHE A 294 -21.96 -5.81 -9.03
N PHE A 295 -23.04 -6.59 -8.98
CA PHE A 295 -23.36 -7.40 -7.81
C PHE A 295 -23.07 -8.88 -7.94
N ALA A 296 -22.52 -9.32 -9.07
CA ALA A 296 -22.19 -10.73 -9.22
C ALA A 296 -20.96 -11.05 -8.40
N SER A 297 -20.84 -12.29 -7.94
CA SER A 297 -19.65 -12.71 -7.20
C SER A 297 -18.38 -12.44 -8.02
N TYR A 298 -18.44 -12.72 -9.32
CA TYR A 298 -17.30 -12.50 -10.22
C TYR A 298 -16.91 -11.03 -10.31
N ASP A 299 -17.87 -10.14 -10.12
CA ASP A 299 -17.62 -8.70 -10.19
C ASP A 299 -16.87 -8.15 -8.98
N ALA A 300 -17.01 -8.81 -7.83
CA ALA A 300 -16.56 -8.23 -6.59
C ALA A 300 -15.08 -7.77 -6.56
N PRO A 301 -14.13 -8.60 -7.04
CA PRO A 301 -12.73 -8.15 -7.02
C PRO A 301 -12.50 -6.93 -7.89
N ALA A 302 -13.25 -6.81 -8.99
CA ALA A 302 -13.11 -5.66 -9.88
C ALA A 302 -13.63 -4.39 -9.23
N VAL A 303 -14.79 -4.49 -8.57
CA VAL A 303 -15.39 -3.36 -7.86
C VAL A 303 -14.36 -2.79 -6.86
N ASP A 304 -13.77 -3.67 -6.06
CA ASP A 304 -12.82 -3.21 -5.05
C ASP A 304 -11.50 -2.71 -5.61
N ALA A 305 -10.94 -3.38 -6.62
CA ALA A 305 -9.71 -2.87 -7.23
C ALA A 305 -9.93 -1.45 -7.75
N HIS A 306 -11.07 -1.25 -8.40
CA HIS A 306 -11.41 0.04 -9.01
C HIS A 306 -11.64 1.11 -7.95
N TYR A 307 -12.50 0.79 -6.98
CA TYR A 307 -12.84 1.73 -5.93
C TYR A 307 -11.63 2.09 -5.07
N TYR A 308 -10.87 1.08 -4.63
CA TYR A 308 -9.73 1.35 -3.77
C TYR A 308 -8.57 2.03 -4.49
N ALA A 309 -8.44 1.83 -5.80
CA ALA A 309 -7.48 2.64 -6.55
C ALA A 309 -7.88 4.11 -6.49
N GLY A 310 -9.18 4.38 -6.55
CA GLY A 310 -9.70 5.73 -6.42
C GLY A 310 -9.42 6.34 -5.06
N VAL A 311 -9.65 5.57 -4.00
CA VAL A 311 -9.35 6.06 -2.66
C VAL A 311 -7.86 6.37 -2.51
N THR A 312 -7.01 5.50 -3.05
CA THR A 312 -5.57 5.71 -2.95
C THR A 312 -5.14 6.95 -3.73
N TYR A 313 -5.68 7.12 -4.93
CA TYR A 313 -5.46 8.35 -5.70
C TYR A 313 -5.84 9.58 -4.87
N ASP A 314 -7.01 9.51 -4.23
CA ASP A 314 -7.50 10.64 -3.44
C ASP A 314 -6.59 10.94 -2.26
N TYR A 315 -6.09 9.89 -1.59
CA TYR A 315 -5.16 10.09 -0.49
C TYR A 315 -3.92 10.84 -0.97
N TYR A 316 -3.29 10.36 -2.03
CA TYR A 316 -2.06 11.01 -2.48
C TYR A 316 -2.30 12.44 -2.93
N LYS A 317 -3.42 12.69 -3.61
CA LYS A 317 -3.74 14.03 -4.07
C LYS A 317 -4.09 14.96 -2.92
N ASN A 318 -5.01 14.55 -2.06
CA ASN A 318 -5.52 15.41 -1.01
C ASN A 318 -4.56 15.61 0.13
N VAL A 319 -3.79 14.57 0.48
CA VAL A 319 -2.90 14.64 1.62
C VAL A 319 -1.52 15.12 1.22
N HIS A 320 -1.00 14.68 0.08
CA HIS A 320 0.39 14.99 -0.30
C HIS A 320 0.54 15.84 -1.55
N ASN A 321 -0.58 16.28 -2.14
CA ASN A 321 -0.55 17.06 -3.39
C ASN A 321 0.20 16.34 -4.52
N ARG A 322 0.07 15.01 -4.56
CA ARG A 322 0.67 14.19 -5.59
C ARG A 322 -0.42 13.68 -6.50
N LEU A 323 -0.27 13.93 -7.79
CA LEU A 323 -1.25 13.56 -8.81
C LEU A 323 -0.86 12.23 -9.44
N SER A 324 -1.52 11.16 -8.97
CA SER A 324 -1.20 9.79 -9.36
C SER A 324 0.23 9.38 -8.98
N TYR A 325 0.64 8.19 -9.40
CA TYR A 325 1.91 7.65 -8.92
C TYR A 325 3.12 8.37 -9.47
N ASP A 326 3.02 8.93 -10.67
CA ASP A 326 4.14 9.65 -11.28
C ASP A 326 4.13 11.15 -10.99
N GLY A 327 3.12 11.63 -10.27
CA GLY A 327 2.96 13.05 -10.05
C GLY A 327 2.46 13.85 -11.26
N ASN A 328 2.15 13.16 -12.35
CA ASN A 328 1.65 13.77 -13.59
C ASN A 328 0.34 13.13 -14.05
N ASN A 329 -0.41 12.58 -13.11
CA ASN A 329 -1.73 12.01 -13.40
C ASN A 329 -1.69 10.80 -14.33
N ALA A 330 -0.63 9.99 -14.26
CA ALA A 330 -0.61 8.74 -15.03
C ALA A 330 -1.86 7.89 -14.81
N ALA A 331 -2.35 7.27 -15.86
CA ALA A 331 -3.47 6.35 -15.76
C ALA A 331 -3.11 5.22 -14.80
N ILE A 332 -4.05 4.86 -13.94
CA ILE A 332 -3.86 3.75 -13.02
C ILE A 332 -4.62 2.55 -13.58
N ARG A 333 -3.89 1.49 -13.88
CA ARG A 333 -4.45 0.28 -14.45
C ARG A 333 -4.31 -0.88 -13.47
N SER A 334 -5.40 -1.66 -13.32
CA SER A 334 -5.43 -2.82 -12.45
C SER A 334 -6.07 -3.99 -13.16
N SER A 335 -5.56 -5.19 -12.96
CA SER A 335 -6.19 -6.40 -13.47
C SER A 335 -6.56 -7.32 -12.32
N VAL A 336 -7.76 -7.89 -12.38
CA VAL A 336 -8.23 -8.87 -11.38
C VAL A 336 -8.46 -10.21 -12.06
N HIS A 337 -8.76 -11.23 -11.25
CA HIS A 337 -8.86 -12.60 -11.71
C HIS A 337 -7.58 -13.03 -12.44
N TYR A 338 -6.43 -12.65 -11.88
CA TYR A 338 -5.15 -13.07 -12.42
C TYR A 338 -4.87 -14.52 -12.02
N SER A 339 -4.69 -15.38 -13.01
CA SER A 339 -4.37 -16.79 -12.82
C SER A 339 -5.53 -17.52 -12.10
N GLN A 340 -5.22 -18.69 -11.56
CA GLN A 340 -6.18 -19.49 -10.82
C GLN A 340 -5.63 -19.75 -9.44
N GLY A 341 -6.43 -19.42 -8.42
CA GLY A 341 -6.04 -19.67 -7.04
C GLY A 341 -4.79 -18.91 -6.60
N TYR A 342 -4.55 -17.74 -7.19
CA TYR A 342 -3.29 -17.04 -6.99
C TYR A 342 -3.31 -16.24 -5.68
N ASN A 343 -2.45 -16.61 -4.76
CA ASN A 343 -2.43 -16.05 -3.41
C ASN A 343 -1.49 -14.87 -3.29
N ASN A 344 -1.66 -13.87 -4.15
CA ASN A 344 -0.82 -12.67 -4.08
C ASN A 344 -1.40 -11.56 -4.92
N ALA A 345 -0.79 -10.40 -4.78
CA ALA A 345 -1.06 -9.23 -5.59
C ALA A 345 0.26 -8.54 -5.78
N PHE A 346 0.38 -7.74 -6.83
CA PHE A 346 1.65 -7.09 -7.12
C PHE A 346 1.51 -5.95 -8.09
N TRP A 347 2.48 -5.06 -8.04
CA TRP A 347 2.74 -4.05 -9.06
C TRP A 347 3.81 -4.63 -10.00
N ASN A 348 3.53 -4.71 -11.31
CA ASN A 348 4.46 -5.38 -12.25
C ASN A 348 5.39 -4.43 -13.00
N GLY A 349 5.52 -3.20 -12.48
CA GLY A 349 6.28 -2.11 -13.14
C GLY A 349 5.40 -1.16 -13.95
N SER A 350 4.18 -1.61 -14.27
CA SER A 350 3.26 -0.88 -15.14
C SER A 350 1.82 -0.80 -14.61
N GLN A 351 1.41 -1.76 -13.78
CA GLN A 351 0.02 -1.86 -13.35
C GLN A 351 -0.08 -2.72 -12.10
N MET A 352 -1.26 -2.66 -11.48
N MET A 352 -1.23 -2.64 -11.43
CA MET A 352 -1.63 -3.54 -10.38
CA MET A 352 -1.51 -3.54 -10.31
C MET A 352 -2.19 -4.84 -10.88
C MET A 352 -2.17 -4.82 -10.84
N VAL A 353 -1.90 -5.92 -10.16
CA VAL A 353 -2.39 -7.23 -10.51
C VAL A 353 -2.85 -7.93 -9.24
N TYR A 354 -4.06 -8.54 -9.27
CA TYR A 354 -4.64 -9.19 -8.08
C TYR A 354 -5.09 -10.60 -8.39
N GLY A 355 -4.60 -11.55 -7.61
CA GLY A 355 -5.15 -12.89 -7.61
C GLY A 355 -6.47 -12.94 -6.89
N ASP A 356 -7.17 -14.05 -7.09
CA ASP A 356 -8.41 -14.36 -6.37
C ASP A 356 -8.16 -15.07 -5.05
N GLY A 357 -6.93 -15.54 -4.83
CA GLY A 357 -6.66 -16.42 -3.73
C GLY A 357 -7.23 -17.80 -3.99
N ASP A 358 -6.87 -18.74 -3.12
CA ASP A 358 -7.38 -20.10 -3.22
C ASP A 358 -8.61 -20.33 -2.33
N GLY A 359 -9.07 -19.28 -1.66
CA GLY A 359 -10.25 -19.36 -0.79
C GLY A 359 -9.96 -19.78 0.64
N GLN A 360 -8.73 -20.24 0.89
CA GLN A 360 -8.31 -20.66 2.23
C GLN A 360 -7.19 -19.75 2.76
N THR A 361 -6.12 -19.56 2.00
CA THR A 361 -5.07 -18.62 2.38
C THR A 361 -5.52 -17.18 2.17
N PHE A 362 -6.18 -16.92 1.05
CA PHE A 362 -6.71 -15.59 0.73
C PHE A 362 -8.06 -15.70 0.05
N ILE A 363 -8.86 -14.66 0.23
CA ILE A 363 -9.96 -14.32 -0.67
C ILE A 363 -9.42 -13.25 -1.64
N PRO A 364 -10.21 -12.85 -2.65
CA PRO A 364 -9.60 -11.97 -3.67
C PRO A 364 -8.95 -10.74 -3.07
N LEU A 365 -7.69 -10.49 -3.46
CA LEU A 365 -6.84 -9.65 -2.64
C LEU A 365 -7.12 -8.16 -2.76
N SER A 366 -7.85 -7.75 -3.81
CA SER A 366 -8.29 -6.38 -3.92
C SER A 366 -9.33 -6.00 -2.87
N GLY A 367 -9.84 -6.97 -2.12
CA GLY A 367 -10.70 -6.66 -0.99
C GLY A 367 -10.03 -5.94 0.16
N GLY A 368 -8.69 -5.89 0.18
CA GLY A 368 -7.93 -5.22 1.23
C GLY A 368 -7.48 -3.86 0.75
N ILE A 369 -8.00 -2.80 1.35
CA ILE A 369 -7.58 -1.45 0.96
C ILE A 369 -6.09 -1.25 1.22
N ASP A 370 -5.58 -1.81 2.32
CA ASP A 370 -4.14 -1.74 2.59
C ASP A 370 -3.31 -2.45 1.52
N VAL A 371 -3.82 -3.55 0.99
CA VAL A 371 -3.16 -4.30 -0.09
C VAL A 371 -3.10 -3.45 -1.37
N VAL A 372 -4.23 -2.89 -1.77
CA VAL A 372 -4.30 -2.04 -2.96
C VAL A 372 -3.34 -0.86 -2.83
N ALA A 373 -3.41 -0.18 -1.70
CA ALA A 373 -2.57 0.99 -1.47
C ALA A 373 -1.09 0.61 -1.31
N HIS A 374 -0.80 -0.56 -0.73
CA HIS A 374 0.56 -1.07 -0.67
C HIS A 374 1.13 -1.21 -2.08
N GLU A 375 0.37 -1.85 -2.96
CA GLU A 375 0.88 -2.12 -4.30
C GLU A 375 1.00 -0.84 -5.13
N LEU A 376 0.01 0.05 -5.05
N LEU A 376 0.00 0.05 -5.08
CA LEU A 376 0.10 1.33 -5.77
CA LEU A 376 0.10 1.32 -5.80
C LEU A 376 1.26 2.18 -5.23
C LEU A 376 1.26 2.17 -5.25
N THR A 377 1.57 2.03 -3.94
CA THR A 377 2.72 2.75 -3.37
C THR A 377 4.06 2.27 -3.97
N HIS A 378 4.14 1.00 -4.40
CA HIS A 378 5.33 0.58 -5.16
C HIS A 378 5.55 1.43 -6.42
N ALA A 379 4.45 1.81 -7.07
CA ALA A 379 4.54 2.69 -8.25
C ALA A 379 5.08 4.06 -7.86
N VAL A 380 4.60 4.60 -6.75
CA VAL A 380 5.10 5.87 -6.24
C VAL A 380 6.61 5.78 -5.96
N THR A 381 7.02 4.70 -5.30
CA THR A 381 8.44 4.48 -5.06
C THR A 381 9.25 4.37 -6.36
N ASP A 382 8.73 3.64 -7.35
CA ASP A 382 9.42 3.50 -8.64
C ASP A 382 9.77 4.88 -9.22
N TYR A 383 8.86 5.82 -9.09
CA TYR A 383 9.01 7.16 -9.68
C TYR A 383 9.73 8.16 -8.80
N THR A 384 10.05 7.79 -7.57
CA THR A 384 10.64 8.73 -6.62
C THR A 384 11.98 8.17 -6.17
N ALA A 385 12.06 7.58 -4.97
CA ALA A 385 13.32 7.08 -4.45
C ALA A 385 13.91 5.97 -5.30
N GLY A 386 13.06 5.11 -5.86
CA GLY A 386 13.52 4.04 -6.74
C GLY A 386 14.31 2.96 -6.01
N LEU A 387 13.98 2.75 -4.75
CA LEU A 387 14.67 1.81 -3.87
C LEU A 387 14.79 0.43 -4.50
N ILE A 388 16.02 -0.03 -4.69
CA ILE A 388 16.31 -1.32 -5.32
C ILE A 388 15.70 -2.44 -4.48
N TYR A 389 15.06 -3.41 -5.12
CA TYR A 389 14.26 -4.40 -4.41
C TYR A 389 15.06 -5.60 -3.91
N GLN A 390 16.02 -5.31 -3.04
CA GLN A 390 16.88 -6.34 -2.46
C GLN A 390 17.50 -5.78 -1.19
N ASN A 391 17.74 -6.65 -0.21
CA ASN A 391 18.49 -6.26 1.00
C ASN A 391 17.87 -5.05 1.70
N GLU A 392 18.66 -4.13 2.24
CA GLU A 392 18.08 -3.06 3.07
C GLU A 392 17.24 -2.09 2.25
N SER A 393 17.69 -1.72 1.06
CA SER A 393 16.90 -0.81 0.24
C SER A 393 15.53 -1.43 -0.09
N GLY A 394 15.52 -2.74 -0.32
CA GLY A 394 14.30 -3.46 -0.63
C GLY A 394 13.36 -3.56 0.55
N ALA A 395 13.92 -3.75 1.74
CA ALA A 395 13.12 -3.72 2.96
C ALA A 395 12.52 -2.34 3.22
N ILE A 396 13.25 -1.28 2.90
CA ILE A 396 12.68 0.08 2.97
C ILE A 396 11.54 0.21 1.95
N ASN A 397 11.77 -0.27 0.74
CA ASN A 397 10.74 -0.27 -0.31
C ASN A 397 9.45 -0.92 0.22
N GLU A 398 9.58 -2.11 0.79
CA GLU A 398 8.44 -2.82 1.36
C GLU A 398 7.80 -2.06 2.51
N ALA A 399 8.60 -1.53 3.42
CA ALA A 399 8.05 -0.80 4.55
C ALA A 399 7.30 0.46 4.12
N ILE A 400 7.83 1.18 3.13
CA ILE A 400 7.13 2.34 2.58
C ILE A 400 5.73 1.93 2.08
N SER A 401 5.65 0.81 1.37
CA SER A 401 4.34 0.31 0.93
C SER A 401 3.41 -0.09 2.08
N ASP A 402 3.95 -0.71 3.14
CA ASP A 402 3.12 -1.03 4.30
C ASP A 402 2.67 0.23 5.05
N ILE A 403 3.57 1.20 5.18
CA ILE A 403 3.28 2.45 5.87
C ILE A 403 2.16 3.20 5.15
N PHE A 404 2.34 3.43 3.85
CA PHE A 404 1.29 4.15 3.11
C PHE A 404 0.05 3.30 2.89
N GLY A 405 0.19 1.98 2.76
CA GLY A 405 -1.00 1.13 2.72
C GLY A 405 -1.87 1.34 3.95
N THR A 406 -1.21 1.38 5.11
CA THR A 406 -1.86 1.60 6.38
C THR A 406 -2.43 3.03 6.50
N LEU A 407 -1.68 4.03 6.06
CA LEU A 407 -2.20 5.40 6.12
C LEU A 407 -3.41 5.60 5.20
N VAL A 408 -3.44 4.92 4.07
CA VAL A 408 -4.64 4.94 3.22
C VAL A 408 -5.80 4.24 3.91
N GLU A 409 -5.52 3.10 4.57
CA GLU A 409 -6.57 2.43 5.35
C GLU A 409 -7.17 3.35 6.41
N PHE A 410 -6.31 4.09 7.11
CA PHE A 410 -6.78 5.09 8.09
C PHE A 410 -7.53 6.25 7.43
N TYR A 411 -7.06 6.70 6.26
CA TYR A 411 -7.73 7.78 5.52
C TYR A 411 -9.17 7.40 5.18
N ALA A 412 -9.38 6.19 4.66
CA ALA A 412 -10.73 5.69 4.36
C ALA A 412 -11.55 5.46 5.62
N ASN A 413 -10.88 5.15 6.73
CA ASN A 413 -11.46 5.09 8.07
C ASN A 413 -12.53 4.00 8.25
N LYS A 414 -12.30 2.84 7.64
CA LYS A 414 -13.12 1.64 7.84
C LYS A 414 -12.24 0.54 8.46
N ASN A 415 -12.51 0.22 9.72
CA ASN A 415 -11.77 -0.78 10.47
C ASN A 415 -10.26 -0.61 10.34
N PRO A 416 -9.73 0.61 10.57
CA PRO A 416 -8.29 0.78 10.37
C PRO A 416 -7.48 0.16 11.49
N ASP A 417 -6.28 -0.28 11.14
CA ASP A 417 -5.36 -0.89 12.09
C ASP A 417 -3.94 -0.78 11.53
N TRP A 418 -2.98 -1.28 12.30
CA TRP A 418 -1.57 -1.34 11.94
C TRP A 418 -1.14 -2.76 11.50
N GLU A 419 -2.10 -3.54 11.03
CA GLU A 419 -1.86 -4.88 10.49
C GLU A 419 -1.95 -4.81 8.98
N ILE A 420 -1.35 -5.76 8.30
CA ILE A 420 -1.35 -5.79 6.83
C ILE A 420 -2.12 -6.99 6.30
N GLY A 421 -3.17 -6.72 5.53
CA GLY A 421 -3.87 -7.75 4.76
C GLY A 421 -4.93 -8.51 5.51
N GLU A 422 -5.26 -8.04 6.71
CA GLU A 422 -6.23 -8.73 7.57
C GLU A 422 -7.60 -8.94 6.95
N ASP A 423 -8.02 -8.06 6.03
CA ASP A 423 -9.36 -8.19 5.46
C ASP A 423 -9.48 -9.33 4.45
N VAL A 424 -8.35 -9.76 3.89
CA VAL A 424 -8.37 -10.78 2.84
C VAL A 424 -7.61 -12.07 3.17
N TYR A 425 -6.87 -12.07 4.27
CA TYR A 425 -6.06 -13.19 4.67
C TYR A 425 -6.87 -14.16 5.51
N THR A 426 -6.74 -15.45 5.19
CA THR A 426 -7.30 -16.56 5.95
C THR A 426 -8.74 -16.33 6.41
N PRO A 427 -9.72 -16.42 5.50
CA PRO A 427 -11.12 -16.20 5.90
C PRO A 427 -11.60 -17.12 7.03
N GLY A 428 -10.98 -18.29 7.19
CA GLY A 428 -11.31 -19.20 8.29
C GLY A 428 -10.69 -18.90 9.65
N ILE A 429 -9.78 -17.92 9.73
CA ILE A 429 -9.08 -17.57 10.98
C ILE A 429 -9.31 -16.09 11.30
N SER A 430 -9.90 -15.80 12.45
CA SER A 430 -10.15 -14.42 12.89
C SER A 430 -8.93 -13.83 13.60
N GLY A 431 -8.66 -12.55 13.36
CA GLY A 431 -7.68 -11.80 14.15
C GLY A 431 -6.23 -11.91 13.72
N ASP A 432 -5.96 -12.56 12.59
CA ASP A 432 -4.60 -12.65 12.07
C ASP A 432 -4.38 -11.73 10.87
N SER A 433 -3.15 -11.71 10.38
CA SER A 433 -2.77 -10.86 9.24
C SER A 433 -1.48 -11.37 8.64
N LEU A 434 -1.05 -10.79 7.53
CA LEU A 434 0.23 -11.16 6.91
C LEU A 434 1.43 -10.65 7.68
N ARG A 435 1.32 -9.42 8.15
CA ARG A 435 2.37 -8.74 8.90
C ARG A 435 1.72 -7.82 9.89
N SER A 436 2.44 -7.51 10.96
CA SER A 436 2.01 -6.53 11.93
C SER A 436 3.05 -5.43 11.99
N MET A 437 2.63 -4.18 11.87
CA MET A 437 3.55 -3.06 12.08
C MET A 437 3.80 -2.76 13.57
N SER A 438 2.78 -2.98 14.40
CA SER A 438 2.88 -2.70 15.82
C SER A 438 3.70 -3.76 16.56
N ASP A 439 3.67 -5.00 16.09
CA ASP A 439 4.45 -6.08 16.68
C ASP A 439 4.86 -7.05 15.57
N PRO A 440 5.86 -6.68 14.78
CA PRO A 440 6.29 -7.55 13.68
C PRO A 440 6.65 -8.97 14.09
N ALA A 441 7.19 -9.13 15.29
CA ALA A 441 7.59 -10.46 15.79
C ALA A 441 6.43 -11.45 15.93
N LYS A 442 5.19 -10.96 16.01
CA LYS A 442 3.98 -11.82 16.04
C LYS A 442 3.94 -12.77 14.84
N TYR A 443 4.45 -12.32 13.68
CA TYR A 443 4.51 -13.12 12.44
C TYR A 443 5.94 -13.41 11.99
N GLY A 444 6.84 -13.57 12.96
CA GLY A 444 8.21 -13.98 12.72
C GLY A 444 9.16 -12.94 12.15
N ASP A 445 8.73 -11.68 12.09
CA ASP A 445 9.55 -10.64 11.49
C ASP A 445 10.35 -9.90 12.57
N PRO A 446 11.56 -9.47 12.23
CA PRO A 446 12.40 -8.72 13.17
C PRO A 446 11.79 -7.37 13.56
N ASP A 447 12.02 -6.99 14.81
CA ASP A 447 11.60 -5.69 15.34
C ASP A 447 12.79 -4.89 15.87
N HIS A 448 14.00 -5.31 15.49
CA HIS A 448 15.23 -4.63 15.87
C HIS A 448 16.29 -5.03 14.86
N TYR A 449 17.22 -4.12 14.58
CA TYR A 449 18.28 -4.33 13.60
C TYR A 449 19.17 -5.54 13.94
N SER A 450 19.37 -5.80 15.22
CA SER A 450 20.13 -6.97 15.67
C SER A 450 19.52 -8.30 15.25
N LYS A 451 18.23 -8.30 14.91
CA LYS A 451 17.51 -9.48 14.47
C LYS A 451 17.32 -9.55 12.96
N ARG A 452 18.02 -8.68 12.21
CA ARG A 452 17.86 -8.65 10.75
C ARG A 452 18.27 -9.95 10.08
N TYR A 453 17.54 -10.30 9.03
CA TYR A 453 17.83 -11.46 8.19
C TYR A 453 18.86 -11.07 7.14
N THR A 454 19.92 -11.88 6.97
CA THR A 454 20.91 -11.64 5.91
C THR A 454 21.13 -12.84 5.00
N GLY A 455 20.17 -13.76 4.97
CA GLY A 455 20.15 -14.82 3.97
C GLY A 455 19.66 -14.31 2.62
N THR A 456 19.47 -15.24 1.69
CA THR A 456 19.12 -14.94 0.30
C THR A 456 17.63 -15.05 -0.02
N GLN A 457 16.84 -15.68 0.87
CA GLN A 457 15.41 -15.85 0.62
C GLN A 457 14.74 -14.48 0.50
N ASP A 458 13.68 -14.41 -0.30
CA ASP A 458 12.82 -13.22 -0.35
C ASP A 458 13.62 -11.96 -0.72
N ASN A 459 14.49 -12.07 -1.72
CA ASN A 459 15.37 -10.97 -2.16
C ASN A 459 16.18 -10.35 -1.01
N GLY A 460 16.70 -11.22 -0.16
CA GLY A 460 17.41 -10.77 1.03
C GLY A 460 16.49 -10.27 2.12
N GLY A 461 15.30 -10.87 2.24
CA GLY A 461 14.37 -10.56 3.33
C GLY A 461 13.60 -9.27 3.24
N VAL A 462 13.19 -8.86 2.04
CA VAL A 462 12.52 -7.57 1.88
C VAL A 462 11.18 -7.47 2.63
N HIS A 463 10.43 -8.58 2.72
CA HIS A 463 9.17 -8.62 3.49
C HIS A 463 9.37 -9.02 4.95
N ILE A 464 10.63 -9.25 5.34
CA ILE A 464 11.01 -9.73 6.67
C ILE A 464 11.62 -8.55 7.40
N ASN A 465 12.72 -8.03 6.87
CA ASN A 465 13.39 -6.87 7.45
C ASN A 465 12.58 -5.58 7.37
N SER A 466 11.53 -5.55 6.55
CA SER A 466 10.59 -4.44 6.60
C SER A 466 10.00 -4.23 8.00
N GLY A 467 9.94 -5.29 8.81
CA GLY A 467 9.44 -5.19 10.18
C GLY A 467 10.21 -4.19 11.03
N ILE A 468 11.51 -4.06 10.79
CA ILE A 468 12.34 -3.14 11.56
C ILE A 468 11.88 -1.70 11.31
N ILE A 469 11.64 -1.39 10.04
CA ILE A 469 11.20 -0.05 9.64
C ILE A 469 9.71 0.15 9.95
N ASN A 470 8.87 -0.85 9.72
CA ASN A 470 7.47 -0.76 10.13
C ASN A 470 7.33 -0.45 11.61
N LYS A 471 8.15 -1.09 12.43
CA LYS A 471 8.10 -0.86 13.86
C LYS A 471 8.51 0.58 14.19
N ALA A 472 9.57 1.08 13.55
CA ALA A 472 9.97 2.47 13.75
C ALA A 472 8.85 3.43 13.38
N ALA A 473 8.20 3.19 12.23
CA ALA A 473 7.10 4.04 11.80
C ALA A 473 5.94 4.01 12.79
N TYR A 474 5.59 2.81 13.25
CA TYR A 474 4.54 2.67 14.24
C TYR A 474 4.90 3.46 15.51
N LEU A 475 6.15 3.36 15.96
CA LEU A 475 6.57 4.08 17.16
C LEU A 475 6.53 5.59 16.96
N ILE A 476 6.94 6.06 15.78
CA ILE A 476 6.89 7.49 15.51
C ILE A 476 5.45 8.00 15.64
N SER A 477 4.50 7.25 15.06
CA SER A 477 3.11 7.66 15.10
C SER A 477 2.46 7.50 16.46
N GLN A 478 2.56 6.29 17.02
CA GLN A 478 1.76 5.90 18.17
C GLN A 478 2.50 5.95 19.49
N GLY A 479 3.82 5.99 19.45
CA GLY A 479 4.62 5.96 20.65
C GLY A 479 4.71 4.60 21.27
N GLY A 480 5.55 4.51 22.29
CA GLY A 480 5.71 3.29 23.07
C GLY A 480 7.12 3.15 23.55
N THR A 481 7.33 2.11 24.35
CA THR A 481 8.66 1.76 24.84
C THR A 481 9.01 0.39 24.27
N HIS A 482 10.16 0.31 23.63
CA HIS A 482 10.55 -0.90 22.89
C HIS A 482 12.01 -1.19 23.18
N TYR A 483 12.27 -2.39 23.70
CA TYR A 483 13.57 -2.77 24.27
C TYR A 483 14.09 -1.67 25.22
N GLY A 484 13.19 -1.13 26.02
CA GLY A 484 13.53 -0.12 27.01
C GLY A 484 13.71 1.31 26.51
N VAL A 485 13.54 1.53 25.22
CA VAL A 485 13.68 2.87 24.64
C VAL A 485 12.28 3.45 24.43
N SER A 486 12.03 4.63 25.00
CA SER A 486 10.72 5.26 24.96
C SER A 486 10.61 6.27 23.82
N VAL A 487 9.47 6.24 23.13
CA VAL A 487 9.21 7.11 21.99
C VAL A 487 7.90 7.82 22.26
N VAL A 488 7.91 9.15 22.11
CA VAL A 488 6.68 9.93 22.21
C VAL A 488 6.04 9.99 20.82
N GLY A 489 4.82 9.48 20.71
CA GLY A 489 4.13 9.45 19.43
C GLY A 489 3.74 10.84 18.97
N ILE A 490 3.79 11.07 17.65
CA ILE A 490 3.42 12.35 17.05
C ILE A 490 2.21 12.25 16.12
N GLY A 491 1.68 11.05 15.95
CA GLY A 491 0.44 10.84 15.19
C GLY A 491 0.69 10.50 13.74
N ARG A 492 -0.34 9.95 13.13
CA ARG A 492 -0.20 9.40 11.79
C ARG A 492 -0.03 10.44 10.68
N ASP A 493 -0.64 11.61 10.84
CA ASP A 493 -0.53 12.64 9.83
C ASP A 493 0.91 13.11 9.70
N LYS A 494 1.56 13.34 10.83
CA LYS A 494 2.96 13.75 10.83
C LYS A 494 3.89 12.63 10.37
N LEU A 495 3.59 11.38 10.76
CA LEU A 495 4.31 10.24 10.18
C LEU A 495 4.27 10.27 8.66
N GLY A 496 3.07 10.42 8.10
CA GLY A 496 2.90 10.49 6.65
C GLY A 496 3.68 11.62 6.01
N LYS A 497 3.63 12.80 6.62
CA LYS A 497 4.36 13.94 6.05
C LYS A 497 5.86 13.69 6.06
N ILE A 498 6.37 13.14 7.16
CA ILE A 498 7.81 12.90 7.29
C ILE A 498 8.29 11.85 6.28
N PHE A 499 7.56 10.74 6.18
CA PHE A 499 7.96 9.67 5.28
C PHE A 499 7.73 10.01 3.82
N TYR A 500 6.68 10.77 3.50
CA TYR A 500 6.47 11.20 2.12
C TYR A 500 7.62 12.11 1.68
N ARG A 501 8.00 13.06 2.53
CA ARG A 501 9.14 13.93 2.23
C ARG A 501 10.44 13.14 2.12
N ALA A 502 10.67 12.20 3.01
CA ALA A 502 11.88 11.37 2.91
C ALA A 502 11.92 10.61 1.60
N LEU A 503 10.79 10.01 1.25
CA LEU A 503 10.68 9.22 0.03
C LEU A 503 10.94 10.04 -1.22
N THR A 504 10.41 11.26 -1.25
CA THR A 504 10.43 12.08 -2.46
C THR A 504 11.59 13.06 -2.54
N GLN A 505 12.27 13.32 -1.42
CA GLN A 505 13.38 14.27 -1.43
C GLN A 505 14.74 13.76 -1.03
N TYR A 506 14.80 12.68 -0.25
CA TYR A 506 16.08 12.27 0.34
C TYR A 506 16.51 10.84 0.04
N LEU A 507 15.58 9.91 -0.07
CA LEU A 507 15.93 8.53 -0.36
C LEU A 507 16.36 8.35 -1.81
N THR A 508 17.23 7.37 -2.01
CA THR A 508 17.76 7.05 -3.33
C THR A 508 17.67 5.55 -3.56
N PRO A 509 18.00 5.06 -4.76
CA PRO A 509 17.84 3.63 -5.02
C PRO A 509 18.64 2.72 -4.07
N THR A 510 19.78 3.20 -3.57
CA THR A 510 20.67 2.38 -2.76
C THR A 510 20.60 2.71 -1.27
N SER A 511 19.63 3.52 -0.84
CA SER A 511 19.52 3.88 0.57
C SER A 511 19.44 2.65 1.47
N ASN A 512 20.27 2.64 2.52
CA ASN A 512 20.17 1.60 3.57
C ASN A 512 19.42 2.15 4.80
N PHE A 513 19.27 1.33 5.84
CA PHE A 513 18.48 1.75 7.00
C PHE A 513 19.05 2.99 7.69
N SER A 514 20.37 3.04 7.82
CA SER A 514 21.01 4.20 8.45
C SER A 514 20.71 5.48 7.65
N GLN A 515 20.71 5.35 6.32
CA GLN A 515 20.41 6.48 5.45
C GLN A 515 18.93 6.85 5.49
N LEU A 516 18.05 5.87 5.70
CA LEU A 516 16.64 6.18 5.96
C LEU A 516 16.48 7.00 7.25
N ARG A 517 17.18 6.60 8.32
CA ARG A 517 17.11 7.40 9.54
C ARG A 517 17.50 8.85 9.26
N ALA A 518 18.62 9.05 8.57
CA ALA A 518 19.08 10.41 8.25
C ALA A 518 18.05 11.17 7.42
N ALA A 519 17.45 10.48 6.45
CA ALA A 519 16.42 11.07 5.60
C ALA A 519 15.19 11.50 6.40
N ALA A 520 14.73 10.63 7.31
CA ALA A 520 13.60 10.95 8.17
C ALA A 520 13.89 12.10 9.13
N VAL A 521 15.08 12.10 9.72
CA VAL A 521 15.47 13.20 10.61
C VAL A 521 15.51 14.51 9.83
N GLN A 522 16.10 14.49 8.65
CA GLN A 522 16.18 15.72 7.82
C GLN A 522 14.78 16.18 7.43
N SER A 523 13.91 15.24 7.06
CA SER A 523 12.54 15.57 6.68
C SER A 523 11.77 16.20 7.83
N ALA A 524 11.87 15.62 9.02
CA ALA A 524 11.22 16.18 10.20
C ALA A 524 11.79 17.55 10.56
N THR A 525 13.10 17.73 10.37
CA THR A 525 13.74 19.02 10.61
C THR A 525 13.18 20.09 9.67
N ASP A 526 13.10 19.77 8.37
CA ASP A 526 12.50 20.68 7.37
C ASP A 526 11.09 21.09 7.76
N LEU A 527 10.28 20.12 8.17
CA LEU A 527 8.86 20.36 8.40
C LEU A 527 8.56 21.02 9.73
N TYR A 528 9.30 20.64 10.77
CA TYR A 528 8.95 20.99 12.16
C TYR A 528 10.01 21.72 12.97
N GLY A 529 11.26 21.72 12.49
CA GLY A 529 12.36 22.41 13.17
C GLY A 529 13.26 21.45 13.94
N SER A 530 14.55 21.80 14.00
CA SER A 530 15.56 20.93 14.64
C SER A 530 15.29 20.63 16.11
N THR A 531 14.66 21.56 16.83
CA THR A 531 14.36 21.40 18.25
C THR A 531 12.97 20.82 18.53
N SER A 532 12.27 20.40 17.47
CA SER A 532 10.88 19.96 17.60
C SER A 532 10.76 18.59 18.26
N GLN A 533 9.60 18.34 18.85
CA GLN A 533 9.27 17.00 19.31
C GLN A 533 9.34 15.98 18.18
N GLU A 534 8.93 16.39 16.97
CA GLU A 534 8.87 15.50 15.82
C GLU A 534 10.25 14.92 15.50
N VAL A 535 11.26 15.78 15.47
CA VAL A 535 12.65 15.34 15.25
C VAL A 535 13.11 14.41 16.38
N ALA A 536 12.84 14.81 17.63
CA ALA A 536 13.24 13.98 18.78
C ALA A 536 12.63 12.57 18.70
N SER A 537 11.35 12.50 18.32
CA SER A 537 10.64 11.24 18.21
C SER A 537 11.14 10.35 17.07
N VAL A 538 11.49 10.95 15.93
CA VAL A 538 12.11 10.19 14.85
C VAL A 538 13.41 9.52 15.36
N LYS A 539 14.23 10.31 16.04
CA LYS A 539 15.49 9.78 16.58
C LYS A 539 15.25 8.66 17.60
N GLN A 540 14.29 8.85 18.51
CA GLN A 540 13.98 7.83 19.52
C GLN A 540 13.52 6.52 18.88
N ALA A 541 12.67 6.64 17.86
CA ALA A 541 12.11 5.46 17.19
C ALA A 541 13.18 4.64 16.48
N PHE A 542 14.07 5.31 15.76
CA PHE A 542 15.15 4.59 15.11
C PHE A 542 16.14 4.01 16.15
N ASP A 543 16.40 4.74 17.24
CA ASP A 543 17.17 4.19 18.36
C ASP A 543 16.53 2.91 18.90
N ALA A 544 15.20 2.95 19.07
CA ALA A 544 14.47 1.80 19.62
C ALA A 544 14.59 0.53 18.78
N VAL A 545 14.71 0.68 17.46
CA VAL A 545 14.88 -0.48 16.58
C VAL A 545 16.34 -0.71 16.19
N GLY A 546 17.27 -0.01 16.84
CA GLY A 546 18.70 -0.26 16.68
C GLY A 546 19.32 0.24 15.40
N VAL A 547 18.70 1.24 14.78
CA VAL A 547 19.19 1.83 13.54
C VAL A 547 19.82 3.17 13.85
N LYS A 548 21.14 3.27 13.69
CA LYS A 548 21.87 4.52 13.94
C LYS A 548 22.25 5.21 12.64
#